data_6IQT
#
_entry.id   6IQT
#
_cell.length_a   67.026
_cell.length_b   96.851
_cell.length_c   99.148
_cell.angle_alpha   90.000
_cell.angle_beta   90.000
_cell.angle_gamma   90.000
#
_symmetry.space_group_name_H-M   'P 21 21 21'
#
loop_
_entity.id
_entity.type
_entity.pdbx_description
1 polymer 'Cag pathogenicity island protein (Cag10)'
2 water water
#
_entity_poly.entity_id   1
_entity_poly.type   'polypeptide(L)'
_entity_poly.pdbx_seq_one_letter_code
;GTSS(MSE)ADIGSGEFKIVKRSDARQIVNSEAVVDSATSKFVSLLFGYSKNSLRDRKDQL(MSE)QYCDVSFQTQA
(MSE)R(MSE)FNENIRQFVDKVRAEAIISSNIQREKVKNSPLTRLTFFITIKITPDT(MSE)ENYEYITKKQVTIYYDF
ARGNSSQENLIINPFGFKVFDIQITDLQN
;
_entity_poly.pdbx_strand_id   A,B,C,D
#
# COMPACT_ATOMS: atom_id res chain seq x y z
N GLN A 23 9.79 -39.74 -17.37
CA GLN A 23 8.83 -38.76 -16.91
C GLN A 23 9.51 -37.44 -16.61
N ILE A 24 10.83 -37.39 -16.68
CA ILE A 24 11.56 -36.14 -16.50
C ILE A 24 12.54 -35.99 -17.65
N VAL A 25 12.46 -34.85 -18.32
CA VAL A 25 13.47 -34.43 -19.28
C VAL A 25 14.06 -33.13 -18.73
N ASN A 26 15.36 -33.15 -18.43
CA ASN A 26 16.03 -32.03 -17.78
C ASN A 26 17.02 -31.44 -18.77
N SER A 27 16.61 -30.38 -19.46
CA SER A 27 17.48 -29.72 -20.43
C SER A 27 17.17 -28.23 -20.44
N GLU A 28 18.17 -27.44 -20.82
CA GLU A 28 17.93 -26.08 -21.28
C GLU A 28 17.31 -26.20 -22.66
N ALA A 29 16.03 -25.94 -22.72
CA ALA A 29 15.11 -26.03 -23.85
C ALA A 29 13.80 -26.32 -23.13
N VAL A 30 13.78 -27.43 -22.38
CA VAL A 30 12.58 -27.78 -21.62
C VAL A 30 12.37 -26.80 -20.46
N VAL A 31 13.45 -26.48 -19.75
CA VAL A 31 13.34 -25.50 -18.66
C VAL A 31 12.84 -24.17 -19.19
N ASP A 32 13.43 -23.72 -20.30
CA ASP A 32 13.07 -22.41 -20.84
C ASP A 32 11.64 -22.38 -21.34
N SER A 33 11.18 -23.46 -21.99
CA SER A 33 9.78 -23.54 -22.45
C SER A 33 8.81 -23.55 -21.27
N ALA A 34 9.11 -24.34 -20.24
CA ALA A 34 8.25 -24.38 -19.06
C ALA A 34 8.20 -23.02 -18.38
N THR A 35 9.35 -22.36 -18.28
CA THR A 35 9.40 -21.06 -17.62
C THR A 35 8.60 -20.02 -18.38
N SER A 36 8.67 -20.05 -19.71
CA SER A 36 7.89 -19.11 -20.52
C SER A 36 6.40 -19.33 -20.34
N LYS A 37 5.97 -20.60 -20.31
CA LYS A 37 4.57 -20.90 -20.10
C LYS A 37 4.12 -20.46 -18.71
N PHE A 38 4.95 -20.69 -17.70
CA PHE A 38 4.65 -20.28 -16.34
C PHE A 38 4.52 -18.78 -16.23
N VAL A 39 5.44 -18.03 -16.84
CA VAL A 39 5.37 -16.56 -16.82
C VAL A 39 4.09 -16.08 -17.48
N SER A 40 3.76 -16.64 -18.63
CA SER A 40 2.52 -16.31 -19.33
C SER A 40 1.29 -16.57 -18.45
N LEU A 41 1.26 -17.74 -17.77
CA LEU A 41 0.11 -18.07 -16.94
C LEU A 41 0.01 -17.17 -15.71
N LEU A 42 1.15 -16.87 -15.08
CA LEU A 42 1.16 -16.15 -13.82
C LEU A 42 0.96 -14.64 -14.00
N PHE A 43 1.67 -14.03 -14.96
CA PHE A 43 1.63 -12.59 -15.14
C PHE A 43 0.64 -12.13 -16.19
N GLY A 44 0.18 -13.03 -17.06
CA GLY A 44 -0.78 -12.68 -18.07
C GLY A 44 -2.20 -12.79 -17.55
N TYR A 45 -3.16 -12.37 -18.38
CA TYR A 45 -4.55 -12.27 -17.93
C TYR A 45 -5.48 -12.14 -19.12
N SER A 46 -6.55 -12.92 -19.10
CA SER A 46 -7.66 -12.77 -20.02
C SER A 46 -8.94 -13.06 -19.24
N LYS A 47 -9.99 -12.27 -19.47
CA LYS A 47 -11.22 -12.43 -18.71
C LYS A 47 -11.99 -13.70 -19.08
N ASN A 48 -11.66 -14.36 -20.19
CA ASN A 48 -12.52 -15.43 -20.72
C ASN A 48 -12.14 -16.84 -20.28
N SER A 49 -10.95 -17.06 -19.68
CA SER A 49 -10.47 -18.41 -19.46
C SER A 49 -9.88 -18.59 -18.05
N LEU A 50 -10.44 -17.87 -17.05
CA LEU A 50 -9.76 -17.75 -15.76
C LEU A 50 -9.64 -19.08 -15.04
N ARG A 51 -10.70 -19.91 -15.07
CA ARG A 51 -10.64 -21.19 -14.36
C ARG A 51 -9.56 -22.09 -14.95
N ASP A 52 -9.53 -22.19 -16.29
CA ASP A 52 -8.50 -23.02 -16.93
C ASP A 52 -7.11 -22.45 -16.66
N ARG A 53 -6.97 -21.12 -16.64
CA ARG A 53 -5.68 -20.50 -16.34
C ARG A 53 -5.21 -20.87 -14.94
N LYS A 54 -6.09 -20.80 -13.94
CA LYS A 54 -5.69 -21.17 -12.58
C LYS A 54 -5.30 -22.65 -12.48
N ASP A 55 -6.06 -23.53 -13.12
CA ASP A 55 -5.74 -24.95 -13.07
C ASP A 55 -4.37 -25.26 -13.70
N GLN A 56 -4.07 -24.63 -14.84
CA GLN A 56 -2.77 -24.85 -15.47
C GLN A 56 -1.64 -24.30 -14.62
N LEU A 57 -1.81 -23.07 -14.10
CA LEU A 57 -0.80 -22.47 -13.23
C LEU A 57 -0.45 -23.36 -12.05
N GLN A 59 -0.51 -26.47 -11.80
CA GLN A 59 0.28 -27.62 -12.27
C GLN A 59 1.77 -27.32 -12.38
N TYR A 60 2.14 -26.05 -12.49
CA TYR A 60 3.54 -25.64 -12.56
C TYR A 60 4.13 -25.27 -11.22
N CYS A 61 3.39 -25.42 -10.13
CA CYS A 61 3.83 -24.98 -8.80
C CYS A 61 3.98 -26.16 -7.86
N ASP A 62 5.09 -26.22 -7.13
CA ASP A 62 5.14 -27.12 -6.00
C ASP A 62 4.02 -26.79 -5.03
N VAL A 63 3.56 -27.82 -4.30
CA VAL A 63 2.50 -27.60 -3.31
C VAL A 63 2.87 -26.45 -2.38
N SER A 64 4.15 -26.33 -2.00
CA SER A 64 4.56 -25.27 -1.09
C SER A 64 4.50 -23.88 -1.70
N PHE A 65 4.32 -23.76 -3.01
CA PHE A 65 4.25 -22.46 -3.66
C PHE A 65 2.86 -22.13 -4.19
N GLN A 66 1.90 -23.05 -4.12
CA GLN A 66 0.62 -22.85 -4.81
C GLN A 66 -0.17 -21.70 -4.22
N THR A 67 -0.06 -21.47 -2.91
CA THR A 67 -0.79 -20.39 -2.29
C THR A 67 -0.30 -19.03 -2.78
N GLN A 68 1.01 -18.85 -2.88
CA GLN A 68 1.52 -17.58 -3.36
C GLN A 68 1.15 -17.34 -4.83
N ALA A 69 1.21 -18.39 -5.66
CA ALA A 69 0.75 -18.26 -7.03
C ALA A 69 -0.72 -17.83 -7.08
N ARG A 71 -2.34 -16.08 -4.78
CA ARG A 71 -2.45 -14.67 -4.38
C ARG A 71 -2.12 -13.74 -5.55
N PHE A 73 -2.42 -14.52 -8.80
CA PHE A 73 -3.54 -14.69 -9.71
C PHE A 73 -4.72 -13.81 -9.29
N ASN A 74 -5.07 -13.85 -8.00
CA ASN A 74 -6.21 -13.07 -7.51
C ASN A 74 -5.97 -11.56 -7.62
N GLU A 75 -4.72 -11.12 -7.47
CA GLU A 75 -4.42 -9.69 -7.63
C GLU A 75 -4.66 -9.24 -9.08
N ASN A 76 -4.31 -10.08 -10.07
CA ASN A 76 -4.63 -9.72 -11.46
C ASN A 76 -6.13 -9.58 -11.67
N ILE A 77 -6.92 -10.50 -11.09
CA ILE A 77 -8.37 -10.41 -11.24
C ILE A 77 -8.86 -9.08 -10.68
N ARG A 78 -8.36 -8.71 -9.51
CA ARG A 78 -8.88 -7.52 -8.81
C ARG A 78 -8.65 -6.25 -9.62
N GLN A 79 -7.52 -6.17 -10.31
CA GLN A 79 -7.14 -4.94 -10.99
C GLN A 79 -7.55 -4.89 -12.45
N PHE A 80 -7.58 -6.03 -13.15
CA PHE A 80 -7.93 -6.04 -14.57
C PHE A 80 -9.41 -6.30 -14.84
N VAL A 81 -10.12 -6.96 -13.92
CA VAL A 81 -11.54 -7.33 -14.03
C VAL A 81 -11.92 -7.74 -15.46
N ASP A 82 -13.06 -7.24 -15.95
CA ASP A 82 -13.52 -7.56 -17.30
C ASP A 82 -13.19 -6.45 -18.30
N LYS A 83 -12.24 -5.58 -17.96
CA LYS A 83 -11.98 -4.39 -18.78
C LYS A 83 -10.57 -4.31 -19.34
N VAL A 84 -9.65 -5.18 -18.92
CA VAL A 84 -8.25 -5.10 -19.32
C VAL A 84 -7.71 -6.49 -19.63
N ARG A 85 -6.82 -6.60 -20.61
CA ARG A 85 -6.09 -7.83 -20.89
C ARG A 85 -4.59 -7.60 -20.76
N ALA A 86 -3.85 -8.67 -20.42
CA ALA A 86 -2.43 -8.56 -20.12
C ALA A 86 -1.66 -9.69 -20.80
N GLU A 87 -0.57 -9.35 -21.49
CA GLU A 87 0.27 -10.35 -22.14
C GLU A 87 1.69 -10.19 -21.62
N ALA A 88 2.25 -11.29 -21.10
CA ALA A 88 3.55 -11.32 -20.41
C ALA A 88 4.53 -12.19 -21.21
N ILE A 89 5.68 -11.62 -21.57
CA ILE A 89 6.72 -12.30 -22.34
C ILE A 89 8.04 -12.22 -21.59
N ILE A 90 8.87 -13.26 -21.71
CA ILE A 90 10.26 -13.15 -21.23
C ILE A 90 11.04 -12.32 -22.26
N SER A 91 11.63 -11.22 -21.82
CA SER A 91 12.20 -10.26 -22.75
C SER A 91 13.73 -10.22 -22.70
N SER A 92 14.35 -11.19 -22.06
CA SER A 92 15.81 -11.24 -22.01
C SER A 92 16.24 -12.69 -22.09
N ASN A 93 17.55 -12.88 -22.18
CA ASN A 93 18.10 -14.22 -21.98
C ASN A 93 17.86 -14.66 -20.54
N ILE A 94 17.77 -15.97 -20.34
CA ILE A 94 17.58 -16.57 -19.01
C ILE A 94 18.94 -16.99 -18.49
N GLN A 95 19.33 -16.46 -17.34
CA GLN A 95 20.55 -16.91 -16.66
C GLN A 95 20.20 -17.91 -15.56
N ARG A 96 21.09 -18.87 -15.33
CA ARG A 96 20.78 -19.97 -14.45
C ARG A 96 21.96 -20.29 -13.55
N GLU A 97 21.64 -20.75 -12.34
CA GLU A 97 22.66 -21.10 -11.38
C GLU A 97 22.07 -22.09 -10.38
N LYS A 98 22.78 -23.18 -10.14
CA LYS A 98 22.40 -24.10 -9.08
C LYS A 98 22.54 -23.42 -7.72
N VAL A 99 21.53 -23.55 -6.87
CA VAL A 99 21.60 -23.04 -5.51
C VAL A 99 22.46 -24.00 -4.69
N LYS A 100 23.48 -23.45 -4.03
CA LYS A 100 24.43 -24.27 -3.25
C LYS A 100 23.72 -25.05 -2.15
N ASN A 101 24.15 -26.30 -1.97
CA ASN A 101 23.61 -27.20 -0.94
C ASN A 101 22.09 -27.27 -0.99
N SER A 102 21.54 -27.39 -2.20
CA SER A 102 20.10 -27.38 -2.42
C SER A 102 19.82 -28.12 -3.71
N PRO A 103 18.67 -28.79 -3.84
CA PRO A 103 18.28 -29.32 -5.14
C PRO A 103 17.70 -28.28 -6.10
N LEU A 104 17.50 -27.04 -5.66
CA LEU A 104 16.85 -26.03 -6.50
C LEU A 104 17.85 -25.36 -7.44
N THR A 105 17.32 -24.86 -8.57
CA THR A 105 18.05 -24.05 -9.52
C THR A 105 17.38 -22.68 -9.60
N ARG A 106 18.19 -21.63 -9.65
CA ARG A 106 17.72 -20.25 -9.75
C ARG A 106 17.80 -19.76 -11.19
N LEU A 107 16.70 -19.25 -11.71
CA LEU A 107 16.65 -18.60 -13.02
C LEU A 107 16.43 -17.11 -12.84
N THR A 108 17.13 -16.28 -13.62
CA THR A 108 16.92 -14.83 -13.53
C THR A 108 16.76 -14.25 -14.92
N PHE A 109 15.77 -13.37 -15.09
CA PHE A 109 15.47 -12.84 -16.41
C PHE A 109 14.56 -11.63 -16.24
N PHE A 110 14.31 -10.96 -17.35
CA PHE A 110 13.41 -9.81 -17.38
C PHE A 110 12.13 -10.23 -18.10
N ILE A 111 11.01 -9.60 -17.71
CA ILE A 111 9.76 -9.80 -18.44
C ILE A 111 9.17 -8.45 -18.82
N THR A 112 8.36 -8.48 -19.87
CA THR A 112 7.61 -7.32 -20.31
C THR A 112 6.14 -7.72 -20.29
N ILE A 113 5.31 -6.89 -19.70
CA ILE A 113 3.87 -7.13 -19.64
C ILE A 113 3.18 -6.03 -20.44
N LYS A 114 2.44 -6.44 -21.48
CA LYS A 114 1.68 -5.49 -22.29
C LYS A 114 0.24 -5.49 -21.81
N ILE A 115 -0.21 -4.33 -21.33
CA ILE A 115 -1.55 -4.15 -20.81
C ILE A 115 -2.34 -3.33 -21.82
N THR A 116 -3.41 -3.90 -22.35
CA THR A 116 -4.30 -3.18 -23.27
C THR A 116 -5.72 -3.28 -22.71
N PRO A 117 -6.32 -2.18 -22.29
CA PRO A 117 -7.70 -2.25 -21.79
C PRO A 117 -8.69 -2.41 -22.94
N ASP A 118 -9.69 -3.28 -22.70
CA ASP A 118 -10.76 -3.53 -23.66
C ASP A 118 -11.71 -2.34 -23.80
N THR A 119 -11.64 -1.37 -22.90
CA THR A 119 -12.59 -0.26 -22.87
C THR A 119 -12.04 0.97 -23.60
N GLU A 121 -9.99 1.61 -27.80
CA GLU A 121 -9.83 1.36 -29.23
C GLU A 121 -8.37 1.38 -29.65
N ASN A 122 -7.51 2.08 -28.88
CA ASN A 122 -6.15 2.34 -29.32
C ASN A 122 -5.26 2.86 -28.20
N TYR A 123 -5.04 2.07 -27.15
CA TYR A 123 -4.02 2.46 -26.19
C TYR A 123 -3.57 1.26 -25.37
N GLU A 124 -2.34 1.38 -24.87
CA GLU A 124 -1.61 0.29 -24.26
C GLU A 124 -0.53 0.88 -23.37
N TYR A 125 -0.19 0.16 -22.31
CA TYR A 125 1.03 0.51 -21.60
C TYR A 125 1.82 -0.73 -21.25
N ILE A 126 3.13 -0.56 -21.16
CA ILE A 126 4.08 -1.65 -20.94
C ILE A 126 4.66 -1.51 -19.55
N THR A 127 4.69 -2.62 -18.80
CA THR A 127 5.45 -2.66 -17.56
C THR A 127 6.56 -3.70 -17.71
N LYS A 128 7.65 -3.49 -16.96
CA LYS A 128 8.81 -4.37 -17.03
C LYS A 128 9.19 -4.77 -15.61
N LYS A 129 9.63 -6.01 -15.45
CA LYS A 129 10.00 -6.55 -14.15
C LYS A 129 11.25 -7.41 -14.30
N GLN A 130 12.02 -7.50 -13.23
CA GLN A 130 13.07 -8.50 -13.14
C GLN A 130 12.56 -9.62 -12.24
N VAL A 131 12.67 -10.86 -12.71
CA VAL A 131 12.04 -12.00 -12.08
C VAL A 131 13.10 -13.04 -11.78
N THR A 132 13.00 -13.64 -10.61
CA THR A 132 13.81 -14.78 -10.19
C THR A 132 12.89 -15.93 -9.83
N ILE A 133 13.12 -17.11 -10.43
CA ILE A 133 12.33 -18.25 -9.99
C ILE A 133 13.27 -19.38 -9.55
N TYR A 134 12.79 -20.18 -8.61
CA TYR A 134 13.51 -21.35 -8.14
C TYR A 134 12.68 -22.57 -8.53
N TYR A 135 13.33 -23.57 -9.14
CA TYR A 135 12.58 -24.72 -9.64
C TYR A 135 13.33 -26.02 -9.38
N ASP A 136 12.57 -27.10 -9.44
CA ASP A 136 13.12 -28.44 -9.54
C ASP A 136 12.12 -29.29 -10.31
N PHE A 137 12.53 -30.49 -10.71
CA PHE A 137 11.63 -31.42 -11.40
C PHE A 137 11.05 -32.41 -10.40
N ALA A 138 9.75 -32.62 -10.46
CA ALA A 138 9.06 -33.51 -9.52
C ALA A 138 9.46 -34.97 -9.73
N LEU A 147 -1.54 -34.62 -16.08
CA LEU A 147 -0.34 -33.86 -16.45
C LEU A 147 -0.33 -33.49 -17.93
N ILE A 148 -1.50 -33.29 -18.55
CA ILE A 148 -1.61 -33.00 -19.98
C ILE A 148 -1.20 -31.56 -20.25
N ILE A 149 -0.50 -30.97 -19.29
CA ILE A 149 -0.23 -29.55 -19.18
C ILE A 149 1.25 -29.38 -18.91
N ASN A 150 1.75 -30.15 -17.95
CA ASN A 150 3.14 -30.06 -17.50
C ASN A 150 3.69 -31.48 -17.46
N PRO A 151 3.87 -32.10 -18.64
CA PRO A 151 4.19 -33.54 -18.70
C PRO A 151 5.46 -33.96 -18.00
N PHE A 152 6.46 -33.09 -17.92
CA PHE A 152 7.76 -33.49 -17.40
C PHE A 152 7.96 -33.02 -15.95
N GLY A 153 6.90 -32.51 -15.32
CA GLY A 153 6.97 -32.17 -13.91
C GLY A 153 7.90 -31.02 -13.52
N PHE A 154 7.98 -29.96 -14.33
CA PHE A 154 8.67 -28.75 -13.92
C PHE A 154 7.89 -28.08 -12.79
N LYS A 155 8.53 -27.86 -11.64
CA LYS A 155 7.83 -27.27 -10.48
C LYS A 155 8.55 -26.05 -9.94
N VAL A 156 7.82 -24.93 -9.80
CA VAL A 156 8.33 -23.71 -9.21
C VAL A 156 8.18 -23.76 -7.70
N PHE A 157 9.24 -23.41 -6.98
CA PHE A 157 9.21 -23.43 -5.52
C PHE A 157 9.20 -22.05 -4.90
N ASP A 158 9.61 -21.03 -5.64
CA ASP A 158 9.66 -19.68 -5.11
C ASP A 158 9.85 -18.71 -6.26
N ILE A 159 9.53 -17.44 -5.99
CA ILE A 159 9.69 -16.38 -6.96
C ILE A 159 10.04 -15.10 -6.21
N GLN A 160 10.82 -14.24 -6.86
CA GLN A 160 11.13 -12.92 -6.33
C GLN A 160 11.06 -11.95 -7.50
N ILE A 161 10.49 -10.77 -7.26
CA ILE A 161 10.14 -9.84 -8.33
C ILE A 161 10.65 -8.45 -7.99
N THR A 162 11.24 -7.77 -8.98
CA THR A 162 11.66 -6.37 -8.86
C THR A 162 10.99 -5.56 -9.95
N ASP A 163 10.14 -4.61 -9.55
CA ASP A 163 9.53 -3.73 -10.55
C ASP A 163 10.57 -2.75 -11.06
N LEU A 164 10.54 -2.48 -12.36
CA LEU A 164 11.60 -1.70 -12.97
C LEU A 164 11.23 -0.24 -13.21
N GLN A 165 10.05 0.19 -12.79
CA GLN A 165 9.76 1.63 -12.72
C GLN A 165 9.34 2.01 -11.30
N ALA B 29 18.46 4.83 -11.86
CA ALA B 29 17.81 3.85 -12.71
C ALA B 29 18.39 2.44 -12.47
N VAL B 30 19.68 2.27 -12.78
CA VAL B 30 20.40 1.07 -12.41
C VAL B 30 20.70 1.07 -10.91
N VAL B 31 21.03 2.25 -10.36
CA VAL B 31 21.20 2.41 -8.92
C VAL B 31 19.93 2.04 -8.17
N ASP B 32 18.77 2.39 -8.74
CA ASP B 32 17.52 2.12 -8.06
C ASP B 32 17.18 0.64 -8.08
N SER B 33 17.53 -0.06 -9.16
CA SER B 33 17.31 -1.50 -9.23
C SER B 33 18.13 -2.23 -8.18
N ALA B 34 19.39 -1.84 -8.03
CA ALA B 34 20.24 -2.48 -7.03
C ALA B 34 19.80 -2.15 -5.62
N THR B 35 19.41 -0.89 -5.39
CA THR B 35 18.92 -0.49 -4.06
C THR B 35 17.66 -1.26 -3.71
N SER B 36 16.73 -1.35 -4.66
CA SER B 36 15.53 -2.16 -4.47
C SER B 36 15.88 -3.62 -4.19
N LYS B 37 16.86 -4.16 -4.91
CA LYS B 37 17.24 -5.56 -4.74
C LYS B 37 17.82 -5.82 -3.34
N PHE B 38 18.74 -4.97 -2.90
CA PHE B 38 19.30 -5.06 -1.56
C PHE B 38 18.21 -4.95 -0.49
N VAL B 39 17.30 -4.01 -0.63
CA VAL B 39 16.21 -3.88 0.34
C VAL B 39 15.40 -5.15 0.39
N SER B 40 15.10 -5.71 -0.79
CA SER B 40 14.24 -6.90 -0.87
C SER B 40 14.92 -8.11 -0.25
N LEU B 41 16.23 -8.24 -0.45
CA LEU B 41 16.97 -9.34 0.13
C LEU B 41 17.03 -9.22 1.65
N LEU B 42 17.41 -8.04 2.16
CA LEU B 42 17.67 -7.90 3.58
C LEU B 42 16.39 -7.87 4.41
N PHE B 43 15.30 -7.32 3.89
CA PHE B 43 14.09 -7.10 4.66
C PHE B 43 12.91 -7.95 4.21
N GLY B 44 13.09 -8.81 3.19
CA GLY B 44 12.08 -9.74 2.78
C GLY B 44 12.33 -11.13 3.35
N TYR B 45 11.41 -12.05 3.05
CA TYR B 45 11.54 -13.41 3.58
C TYR B 45 10.71 -14.38 2.76
N SER B 46 11.28 -15.54 2.48
CA SER B 46 10.55 -16.65 1.89
C SER B 46 11.27 -17.93 2.31
N LYS B 47 10.51 -18.92 2.77
CA LYS B 47 11.15 -20.12 3.32
C LYS B 47 11.98 -20.85 2.26
N ASN B 48 11.41 -21.11 1.08
CA ASN B 48 12.02 -22.06 0.16
C ASN B 48 13.36 -21.59 -0.42
N SER B 49 13.62 -20.30 -0.49
CA SER B 49 14.86 -19.80 -1.08
C SER B 49 15.78 -19.13 -0.07
N LEU B 50 15.64 -19.46 1.22
CA LEU B 50 16.30 -18.69 2.27
C LEU B 50 17.82 -18.67 2.12
N ARG B 51 18.43 -19.81 1.81
CA ARG B 51 19.89 -19.80 1.77
C ARG B 51 20.42 -19.05 0.55
N ASP B 52 19.69 -19.07 -0.57
CA ASP B 52 20.12 -18.28 -1.71
C ASP B 52 19.90 -16.78 -1.47
N ARG B 53 18.83 -16.41 -0.78
CA ARG B 53 18.64 -15.02 -0.38
C ARG B 53 19.85 -14.53 0.42
N LYS B 54 20.31 -15.33 1.36
CA LYS B 54 21.47 -14.96 2.16
C LYS B 54 22.74 -14.87 1.28
N ASP B 55 22.93 -15.83 0.37
CA ASP B 55 24.05 -15.76 -0.57
C ASP B 55 24.01 -14.48 -1.39
N GLN B 56 22.84 -14.15 -1.94
CA GLN B 56 22.74 -12.94 -2.77
C GLN B 56 23.05 -11.69 -1.95
N LEU B 57 22.51 -11.61 -0.73
CA LEU B 57 22.73 -10.43 0.11
C LEU B 57 24.21 -10.13 0.30
N GLN B 59 26.64 -10.73 -1.72
CA GLN B 59 27.22 -10.16 -2.95
C GLN B 59 26.96 -8.67 -3.09
N TYR B 60 25.93 -8.14 -2.42
CA TYR B 60 25.62 -6.72 -2.42
C TYR B 60 26.28 -5.95 -1.29
N CYS B 61 27.13 -6.60 -0.48
CA CYS B 61 27.78 -5.99 0.66
C CYS B 61 29.30 -5.95 0.48
N ASP B 62 29.91 -4.82 0.80
CA ASP B 62 31.36 -4.78 0.89
C ASP B 62 31.84 -5.77 1.96
N VAL B 63 33.04 -6.32 1.76
CA VAL B 63 33.59 -7.31 2.70
C VAL B 63 33.56 -6.77 4.14
N SER B 64 33.87 -5.47 4.31
CA SER B 64 33.86 -4.86 5.64
C SER B 64 32.47 -4.81 6.27
N PHE B 65 31.42 -5.06 5.51
CA PHE B 65 30.05 -4.92 6.00
C PHE B 65 29.29 -6.24 6.02
N GLN B 66 29.85 -7.31 5.47
CA GLN B 66 29.11 -8.56 5.35
C GLN B 66 28.68 -9.09 6.71
N THR B 67 29.58 -9.04 7.70
CA THR B 67 29.24 -9.55 9.03
C THR B 67 28.08 -8.77 9.64
N GLN B 68 28.13 -7.44 9.58
CA GLN B 68 27.02 -6.67 10.14
C GLN B 68 25.73 -6.96 9.39
N ALA B 69 25.81 -7.02 8.05
CA ALA B 69 24.62 -7.29 7.25
C ALA B 69 24.01 -8.63 7.63
N ARG B 71 24.28 -10.19 10.47
CA ARG B 71 23.69 -10.05 11.81
C ARG B 71 22.32 -9.37 11.74
N PHE B 73 20.28 -9.28 9.10
CA PHE B 73 19.36 -10.22 8.48
C PHE B 73 18.91 -11.27 9.48
N ASN B 74 19.86 -11.79 10.27
CA ASN B 74 19.55 -12.75 11.32
C ASN B 74 18.47 -12.22 12.26
N GLU B 75 18.57 -10.95 12.65
CA GLU B 75 17.58 -10.35 13.57
C GLU B 75 16.25 -10.07 12.89
N ASN B 76 16.26 -9.69 11.60
CA ASN B 76 15.03 -9.41 10.88
C ASN B 76 14.11 -10.64 10.81
N ILE B 77 14.67 -11.83 10.57
CA ILE B 77 13.83 -12.99 10.32
C ILE B 77 13.31 -13.65 11.60
N ARG B 78 13.64 -13.13 12.79
CA ARG B 78 12.97 -13.56 14.01
C ARG B 78 11.45 -13.44 13.91
N GLN B 79 10.94 -12.59 13.03
CA GLN B 79 9.50 -12.43 12.90
C GLN B 79 8.84 -13.55 12.10
N PHE B 80 9.60 -14.45 11.48
CA PHE B 80 9.06 -15.34 10.46
C PHE B 80 9.27 -16.81 10.82
N VAL B 81 8.18 -17.49 11.23
CA VAL B 81 8.18 -18.93 11.49
C VAL B 81 7.07 -19.60 10.67
N ASP B 82 7.41 -20.73 10.04
CA ASP B 82 6.45 -21.58 9.30
C ASP B 82 5.93 -20.79 8.10
N LYS B 83 4.61 -20.66 7.94
CA LYS B 83 3.97 -20.27 6.68
C LYS B 83 3.80 -18.74 6.65
N VAL B 84 4.89 -18.04 6.43
CA VAL B 84 4.85 -16.58 6.34
C VAL B 84 5.81 -16.11 5.24
N ARG B 85 5.41 -15.06 4.52
CA ARG B 85 6.26 -14.39 3.55
C ARG B 85 6.34 -12.90 3.89
N ALA B 86 7.47 -12.28 3.52
CA ALA B 86 7.61 -10.83 3.63
C ALA B 86 8.19 -10.27 2.34
N GLU B 87 7.63 -9.13 1.91
CA GLU B 87 8.13 -8.39 0.76
C GLU B 87 8.44 -6.96 1.19
N ALA B 88 9.58 -6.45 0.77
CA ALA B 88 9.99 -5.10 1.18
C ALA B 88 10.24 -4.28 -0.06
N ILE B 89 9.68 -3.07 -0.11
CA ILE B 89 9.81 -2.22 -1.27
C ILE B 89 10.11 -0.80 -0.80
N ILE B 90 10.75 -0.04 -1.68
CA ILE B 90 10.98 1.37 -1.38
C ILE B 90 9.68 2.12 -1.56
N SER B 91 9.32 2.96 -0.59
CA SER B 91 8.00 3.58 -0.57
C SER B 91 8.07 5.10 -0.41
N SER B 92 9.18 5.70 -0.79
CA SER B 92 9.30 7.15 -0.88
C SER B 92 10.23 7.46 -2.03
N ASN B 93 10.32 8.73 -2.41
CA ASN B 93 11.43 9.12 -3.27
C ASN B 93 12.75 8.89 -2.52
N ILE B 94 13.83 8.82 -3.28
CA ILE B 94 15.15 8.52 -2.73
C ILE B 94 15.98 9.79 -2.72
N GLN B 95 16.43 10.20 -1.54
CA GLN B 95 17.36 11.32 -1.39
C GLN B 95 18.80 10.83 -1.56
N ARG B 96 19.57 11.51 -2.41
CA ARG B 96 20.93 11.12 -2.74
C ARG B 96 21.89 12.24 -2.36
N GLU B 97 23.00 11.87 -1.72
CA GLU B 97 24.02 12.82 -1.26
C GLU B 97 25.40 12.22 -1.43
N LYS B 98 26.33 13.01 -1.95
CA LYS B 98 27.73 12.62 -1.89
C LYS B 98 28.27 12.83 -0.48
N VAL B 99 29.14 11.93 -0.04
CA VAL B 99 29.73 11.98 1.30
C VAL B 99 31.04 12.75 1.19
N LYS B 100 31.30 13.61 2.17
CA LYS B 100 32.47 14.48 2.09
C LYS B 100 33.75 13.69 2.34
N ASN B 101 34.73 13.86 1.44
CA ASN B 101 36.04 13.23 1.54
C ASN B 101 35.94 11.71 1.49
N SER B 102 35.02 11.22 0.66
CA SER B 102 34.74 9.79 0.55
C SER B 102 34.18 9.52 -0.83
N PRO B 103 34.44 8.34 -1.39
CA PRO B 103 33.79 7.94 -2.65
C PRO B 103 32.37 7.44 -2.47
N LEU B 104 31.87 7.39 -1.25
CA LEU B 104 30.55 6.84 -0.94
C LEU B 104 29.44 7.82 -1.33
N THR B 105 28.25 7.27 -1.55
CA THR B 105 27.04 8.04 -1.74
C THR B 105 26.04 7.63 -0.68
N ARG B 106 25.36 8.61 -0.08
CA ARG B 106 24.39 8.34 0.97
C ARG B 106 22.98 8.38 0.39
N LEU B 107 22.24 7.28 0.53
CA LEU B 107 20.85 7.24 0.15
C LEU B 107 19.98 7.18 1.39
N THR B 108 18.89 7.94 1.40
CA THR B 108 17.91 7.93 2.48
C THR B 108 16.52 7.78 1.87
N PHE B 109 15.73 6.87 2.39
CA PHE B 109 14.41 6.57 1.84
C PHE B 109 13.64 5.79 2.89
N PHE B 110 12.34 5.64 2.64
CA PHE B 110 11.48 4.79 3.46
C PHE B 110 11.20 3.49 2.70
N ILE B 111 10.99 2.43 3.47
CA ILE B 111 10.62 1.13 2.92
C ILE B 111 9.33 0.70 3.58
N THR B 112 8.55 -0.10 2.86
CA THR B 112 7.36 -0.75 3.40
C THR B 112 7.55 -2.25 3.35
N ILE B 113 7.43 -2.90 4.50
CA ILE B 113 7.52 -4.35 4.60
C ILE B 113 6.11 -4.90 4.75
N LYS B 114 5.69 -5.76 3.84
CA LYS B 114 4.37 -6.39 3.93
C LYS B 114 4.55 -7.85 4.32
N ILE B 115 3.90 -8.23 5.43
CA ILE B 115 4.04 -9.57 6.01
C ILE B 115 2.72 -10.30 5.80
N THR B 116 2.75 -11.42 5.08
CA THR B 116 1.52 -12.12 4.74
C THR B 116 1.61 -13.59 5.16
N PRO B 117 0.54 -14.15 5.70
CA PRO B 117 0.53 -15.59 5.94
C PRO B 117 0.68 -16.31 4.61
N ASP B 118 1.48 -17.35 4.60
CA ASP B 118 1.63 -18.14 3.38
C ASP B 118 0.50 -19.18 3.31
N THR B 119 -0.72 -18.66 3.49
CA THR B 119 -1.98 -19.43 3.49
C THR B 119 -3.00 -18.61 2.72
N GLU B 121 -5.43 -17.17 4.02
CA GLU B 121 -6.10 -16.32 5.00
C GLU B 121 -6.09 -14.84 4.60
N ASN B 122 -7.12 -14.13 5.05
CA ASN B 122 -7.38 -12.77 4.60
C ASN B 122 -6.88 -11.77 5.65
N TYR B 123 -5.55 -11.64 5.74
CA TYR B 123 -4.97 -10.56 6.54
C TYR B 123 -3.51 -10.37 6.14
N GLU B 124 -2.99 -9.18 6.44
CA GLU B 124 -1.57 -8.92 6.28
C GLU B 124 -1.19 -7.81 7.25
N TYR B 125 0.10 -7.72 7.54
CA TYR B 125 0.66 -6.72 8.43
C TYR B 125 1.62 -5.86 7.63
N ILE B 126 1.61 -4.56 7.90
CA ILE B 126 2.50 -3.63 7.20
C ILE B 126 3.32 -2.87 8.23
N THR B 127 4.65 -2.82 8.03
CA THR B 127 5.53 -2.07 8.90
C THR B 127 6.46 -1.23 8.03
N LYS B 128 6.76 -0.01 8.48
CA LYS B 128 7.55 0.94 7.68
C LYS B 128 8.78 1.40 8.45
N LYS B 129 9.86 1.68 7.71
CA LYS B 129 11.14 2.02 8.30
C LYS B 129 11.83 3.04 7.43
N GLN B 130 12.57 3.95 8.07
CA GLN B 130 13.44 4.86 7.35
C GLN B 130 14.82 4.24 7.28
N VAL B 131 15.40 4.21 6.09
CA VAL B 131 16.66 3.52 5.82
C VAL B 131 17.65 4.51 5.25
N THR B 132 18.86 4.50 5.77
CA THR B 132 19.99 5.20 5.18
C THR B 132 21.06 4.17 4.86
N ILE B 133 21.54 4.16 3.62
CA ILE B 133 22.65 3.29 3.24
C ILE B 133 23.75 4.12 2.57
N TYR B 134 24.97 3.61 2.69
CA TYR B 134 26.15 4.17 2.05
C TYR B 134 26.67 3.14 1.06
N TYR B 135 26.82 3.52 -0.20
CA TYR B 135 27.23 2.57 -1.23
C TYR B 135 28.35 3.12 -2.10
N ASP B 136 29.03 2.18 -2.76
CA ASP B 136 30.01 2.45 -3.80
C ASP B 136 29.98 1.25 -4.72
N PHE B 137 30.77 1.32 -5.79
CA PHE B 137 30.85 0.22 -6.74
C PHE B 137 32.18 -0.51 -6.58
N ALA B 138 32.17 -1.81 -6.89
CA ALA B 138 33.38 -2.62 -6.88
C ALA B 138 34.41 -2.07 -7.86
N LEU B 147 28.19 -11.94 -10.67
CA LEU B 147 27.86 -11.11 -11.83
C LEU B 147 26.46 -11.42 -12.40
N ILE B 148 26.00 -12.66 -12.25
CA ILE B 148 24.58 -12.93 -12.48
C ILE B 148 23.75 -12.17 -11.46
N ILE B 149 24.20 -12.17 -10.20
CA ILE B 149 23.42 -11.64 -9.09
C ILE B 149 23.57 -10.12 -8.97
N ASN B 150 24.75 -9.59 -9.26
CA ASN B 150 25.06 -8.17 -9.03
C ASN B 150 25.91 -7.70 -10.20
N PRO B 151 25.30 -7.53 -11.37
CA PRO B 151 26.10 -7.31 -12.60
C PRO B 151 26.86 -6.00 -12.62
N PHE B 152 26.47 -4.99 -11.83
CA PHE B 152 27.17 -3.72 -11.81
C PHE B 152 28.06 -3.56 -10.57
N GLY B 153 28.11 -4.55 -9.69
CA GLY B 153 29.01 -4.46 -8.55
C GLY B 153 28.64 -3.39 -7.53
N PHE B 154 27.34 -3.19 -7.29
CA PHE B 154 26.85 -2.30 -6.23
C PHE B 154 27.20 -2.88 -4.87
N LYS B 155 27.87 -2.11 -4.00
CA LYS B 155 28.34 -2.61 -2.71
C LYS B 155 27.90 -1.66 -1.60
N VAL B 156 27.18 -2.19 -0.61
CA VAL B 156 26.77 -1.43 0.57
C VAL B 156 27.86 -1.51 1.64
N PHE B 157 28.17 -0.36 2.22
CA PHE B 157 29.20 -0.26 3.24
C PHE B 157 28.67 -0.01 4.64
N ASP B 158 27.46 0.55 4.77
CA ASP B 158 26.87 0.79 6.10
C ASP B 158 25.39 1.05 5.93
N ILE B 159 24.66 0.90 7.03
CA ILE B 159 23.22 1.07 7.05
C ILE B 159 22.78 1.58 8.41
N GLN B 160 21.73 2.40 8.41
CA GLN B 160 21.07 2.81 9.65
C GLN B 160 19.56 2.72 9.42
N ILE B 161 18.83 2.19 10.40
CA ILE B 161 17.40 1.93 10.29
C ILE B 161 16.69 2.53 11.50
N THR B 162 15.57 3.21 11.26
CA THR B 162 14.68 3.68 12.32
C THR B 162 13.24 3.34 11.98
N ASP B 163 12.42 3.06 13.00
CA ASP B 163 11.01 2.76 12.78
C ASP B 163 10.24 4.03 12.40
N LEU B 164 9.27 3.89 11.48
CA LEU B 164 8.44 5.05 11.15
C LEU B 164 7.72 5.58 12.39
N GLN B 165 7.10 4.70 13.17
CA GLN B 165 6.39 5.14 14.39
C GLN B 165 7.33 5.18 15.59
N GLU C 28 -15.86 32.06 14.58
CA GLU C 28 -15.34 32.10 13.22
C GLU C 28 -13.82 32.34 13.17
N ALA C 29 -13.37 33.55 13.47
CA ALA C 29 -11.96 33.84 13.24
C ALA C 29 -11.04 33.10 14.21
N VAL C 30 -11.48 32.87 15.44
CA VAL C 30 -10.63 32.13 16.38
C VAL C 30 -10.49 30.68 15.95
N VAL C 31 -11.62 30.04 15.61
CA VAL C 31 -11.57 28.65 15.14
C VAL C 31 -10.74 28.56 13.87
N ASP C 32 -10.94 29.50 12.94
CA ASP C 32 -10.24 29.41 11.65
C ASP C 32 -8.74 29.61 11.82
N SER C 33 -8.33 30.46 12.76
CA SER C 33 -6.90 30.68 13.00
C SER C 33 -6.26 29.47 13.66
N ALA C 34 -6.94 28.90 14.68
CA ALA C 34 -6.39 27.71 15.31
C ALA C 34 -6.39 26.51 14.36
N THR C 35 -7.40 26.40 13.50
CA THR C 35 -7.41 25.30 12.53
C THR C 35 -6.27 25.43 11.53
N SER C 36 -5.98 26.66 11.07
CA SER C 36 -4.86 26.85 10.15
C SER C 36 -3.55 26.48 10.80
N LYS C 37 -3.38 26.81 12.09
CA LYS C 37 -2.16 26.43 12.80
C LYS C 37 -2.05 24.92 12.95
N PHE C 38 -3.16 24.25 13.31
CA PHE C 38 -3.15 22.79 13.43
C PHE C 38 -2.79 22.13 12.12
N VAL C 39 -3.33 22.65 11.00
CA VAL C 39 -3.03 22.10 9.68
C VAL C 39 -1.56 22.26 9.36
N SER C 40 -1.00 23.45 9.63
CA SER C 40 0.43 23.68 9.39
C SER C 40 1.30 22.73 10.21
N LEU C 41 0.88 22.41 11.45
CA LEU C 41 1.67 21.50 12.28
C LEU C 41 1.61 20.07 11.74
N LEU C 42 0.39 19.59 11.48
CA LEU C 42 0.21 18.17 11.14
C LEU C 42 0.61 17.84 9.72
N PHE C 43 0.40 18.75 8.77
CA PHE C 43 0.65 18.44 7.36
C PHE C 43 1.88 19.13 6.79
N GLY C 44 2.55 20.01 7.54
CA GLY C 44 3.79 20.59 7.11
C GLY C 44 5.00 19.85 7.66
N TYR C 45 6.20 20.31 7.25
CA TYR C 45 7.42 19.62 7.66
C TYR C 45 8.64 20.52 7.51
N SER C 46 9.53 20.45 8.50
CA SER C 46 10.88 20.96 8.39
C SER C 46 11.75 20.10 9.29
N LYS C 47 12.96 19.77 8.84
CA LYS C 47 13.73 18.76 9.58
C LYS C 47 14.24 19.32 10.91
N ASN C 48 14.66 20.58 10.94
CA ASN C 48 15.41 21.08 12.10
C ASN C 48 14.54 21.36 13.34
N SER C 49 13.27 21.67 13.18
CA SER C 49 12.39 21.89 14.32
C SER C 49 11.43 20.72 14.55
N LEU C 50 11.75 19.53 14.04
CA LEU C 50 10.80 18.41 14.07
C LEU C 50 10.35 18.07 15.49
N ARG C 51 11.28 18.09 16.44
CA ARG C 51 10.95 17.78 17.84
C ARG C 51 9.93 18.77 18.39
N ASP C 52 10.13 20.06 18.12
CA ASP C 52 9.21 21.06 18.62
C ASP C 52 7.86 20.97 17.92
N ARG C 53 7.85 20.65 16.62
CA ARG C 53 6.59 20.54 15.89
C ARG C 53 5.70 19.45 16.47
N LYS C 54 6.30 18.31 16.82
CA LYS C 54 5.56 17.22 17.44
C LYS C 54 5.00 17.64 18.80
N ASP C 55 5.83 18.30 19.62
CA ASP C 55 5.40 18.83 20.90
C ASP C 55 4.24 19.81 20.73
N GLN C 56 4.32 20.71 19.76
CA GLN C 56 3.24 21.64 19.49
C GLN C 56 1.98 20.91 19.08
N LEU C 57 2.10 19.93 18.17
CA LEU C 57 0.95 19.15 17.74
C LEU C 57 0.20 18.55 18.92
N GLN C 59 -0.08 19.65 21.90
CA GLN C 59 -0.80 20.70 22.62
C GLN C 59 -2.15 21.02 21.99
N TYR C 60 -2.32 20.73 20.70
CA TYR C 60 -3.57 20.94 19.99
C TYR C 60 -4.51 19.73 20.02
N CYS C 61 -4.15 18.66 20.70
CA CYS C 61 -4.97 17.45 20.67
C CYS C 61 -5.53 17.15 22.04
N ASP C 62 -6.79 16.72 22.09
CA ASP C 62 -7.30 16.16 23.33
C ASP C 62 -6.47 14.94 23.71
N VAL C 63 -6.34 14.67 25.01
CA VAL C 63 -5.54 13.55 25.47
C VAL C 63 -5.99 12.24 24.84
N SER C 64 -7.30 12.08 24.59
CA SER C 64 -7.79 10.84 23.99
C SER C 64 -7.40 10.67 22.52
N PHE C 65 -6.86 11.71 21.90
CA PHE C 65 -6.49 11.68 20.48
C PHE C 65 -5.00 11.88 20.25
N GLN C 66 -4.22 12.15 21.30
CA GLN C 66 -2.82 12.51 21.10
C GLN C 66 -2.02 11.40 20.42
N THR C 67 -2.21 10.15 20.83
CA THR C 67 -1.42 9.08 20.24
C THR C 67 -1.74 8.91 18.76
N GLN C 68 -3.02 8.88 18.39
CA GLN C 68 -3.37 8.71 16.98
C GLN C 68 -2.91 9.90 16.14
N ALA C 69 -2.96 11.12 16.69
CA ALA C 69 -2.46 12.27 15.95
C ALA C 69 -0.97 12.13 15.67
N ARG C 71 0.65 9.29 15.36
CA ARG C 71 0.78 8.25 14.33
C ARG C 71 0.55 8.83 12.94
N PHE C 73 0.84 12.01 12.00
CA PHE C 73 1.98 12.86 11.68
C PHE C 73 3.17 12.04 11.19
N ASN C 74 3.51 10.97 11.91
CA ASN C 74 4.62 10.11 11.50
C ASN C 74 4.38 9.53 10.12
N GLU C 75 3.14 9.16 9.82
CA GLU C 75 2.86 8.63 8.49
C GLU C 75 3.01 9.70 7.42
N ASN C 76 2.55 10.93 7.72
CA ASN C 76 2.72 12.04 6.80
C ASN C 76 4.19 12.27 6.47
N ILE C 77 5.09 12.05 7.43
CA ILE C 77 6.52 12.29 7.23
C ILE C 77 7.09 11.47 6.07
N ARG C 78 6.46 10.35 5.73
CA ARG C 78 7.04 9.47 4.72
C ARG C 78 7.11 10.13 3.34
N GLN C 79 6.20 11.05 3.03
CA GLN C 79 6.26 11.69 1.73
C GLN C 79 7.42 12.69 1.62
N PHE C 80 8.09 13.02 2.75
CA PHE C 80 9.11 14.07 2.75
C PHE C 80 10.55 13.55 2.90
N VAL C 81 10.74 12.29 3.23
CA VAL C 81 12.04 11.66 3.37
C VAL C 81 12.89 12.36 4.43
N ASP C 82 13.64 13.40 4.05
CA ASP C 82 14.65 13.93 4.96
C ASP C 82 14.81 15.44 4.88
N LYS C 83 15.59 15.91 3.89
CA LYS C 83 15.89 17.34 3.73
C LYS C 83 15.00 17.92 2.64
N VAL C 84 13.74 18.18 2.99
CA VAL C 84 12.81 18.95 2.16
C VAL C 84 11.97 19.81 3.10
N ARG C 85 11.26 20.79 2.53
CA ARG C 85 10.33 21.61 3.29
C ARG C 85 8.92 21.38 2.76
N ALA C 86 7.93 21.36 3.65
CA ALA C 86 6.55 21.25 3.24
C ALA C 86 5.70 22.27 4.01
N GLU C 87 4.89 23.03 3.28
CA GLU C 87 4.00 24.04 3.87
C GLU C 87 2.58 23.68 3.48
N ALA C 88 1.72 23.54 4.49
CA ALA C 88 0.34 23.15 4.28
C ALA C 88 -0.57 24.31 4.64
N ILE C 89 -1.52 24.63 3.76
CA ILE C 89 -2.48 25.69 4.02
C ILE C 89 -3.86 25.20 3.65
N ILE C 90 -4.86 25.81 4.29
CA ILE C 90 -6.25 25.54 3.95
C ILE C 90 -6.56 26.29 2.66
N SER C 91 -7.12 25.58 1.67
CA SER C 91 -7.26 26.11 0.33
C SER C 91 -8.72 26.23 -0.11
N SER C 92 -9.66 26.08 0.81
CA SER C 92 -11.08 26.14 0.48
C SER C 92 -11.80 26.85 1.62
N ASN C 93 -13.09 27.12 1.40
CA ASN C 93 -13.95 27.51 2.50
C ASN C 93 -13.96 26.41 3.54
N ILE C 94 -14.18 26.80 4.80
CA ILE C 94 -14.34 25.85 5.89
C ILE C 94 -15.84 25.67 6.12
N GLN C 95 -16.33 24.44 5.97
CA GLN C 95 -17.70 24.13 6.34
C GLN C 95 -17.76 23.62 7.78
N ARG C 96 -18.72 24.12 8.55
CA ARG C 96 -18.80 23.76 9.96
C ARG C 96 -20.22 23.32 10.32
N GLU C 97 -20.29 22.36 11.24
CA GLU C 97 -21.56 21.87 11.74
C GLU C 97 -21.35 21.32 13.15
N LYS C 98 -22.16 21.79 14.09
CA LYS C 98 -22.16 21.18 15.40
C LYS C 98 -22.66 19.74 15.30
N VAL C 99 -21.98 18.83 16.00
CA VAL C 99 -22.39 17.43 16.00
C VAL C 99 -23.64 17.29 16.86
N LYS C 100 -24.64 16.58 16.35
CA LYS C 100 -25.90 16.42 17.06
C LYS C 100 -25.67 15.76 18.42
N ASN C 101 -26.17 16.40 19.48
CA ASN C 101 -26.15 15.83 20.83
C ASN C 101 -24.73 15.61 21.32
N SER C 102 -23.85 16.56 21.02
CA SER C 102 -22.44 16.42 21.29
C SER C 102 -21.87 17.80 21.54
N PRO C 103 -20.80 17.91 22.33
CA PRO C 103 -20.07 19.17 22.41
C PRO C 103 -19.13 19.40 21.23
N LEU C 104 -18.92 18.39 20.38
CA LEU C 104 -17.97 18.53 19.29
C LEU C 104 -18.57 19.28 18.10
N THR C 105 -17.69 19.92 17.33
CA THR C 105 -18.03 20.58 16.08
C THR C 105 -17.16 19.97 14.98
N ARG C 106 -17.76 19.73 13.82
CA ARG C 106 -17.09 19.15 12.66
C ARG C 106 -16.74 20.26 11.68
N LEU C 107 -15.48 20.29 11.27
CA LEU C 107 -14.98 21.19 10.22
C LEU C 107 -14.57 20.35 9.03
N THR C 108 -14.96 20.78 7.82
CA THR C 108 -14.54 20.09 6.61
C THR C 108 -13.97 21.11 5.63
N PHE C 109 -12.87 20.76 4.97
CA PHE C 109 -12.17 21.69 4.09
C PHE C 109 -11.13 20.92 3.28
N PHE C 110 -10.56 21.61 2.31
CA PHE C 110 -9.45 21.08 1.51
C PHE C 110 -8.16 21.77 1.92
N ILE C 111 -7.05 21.06 1.75
CA ILE C 111 -5.75 21.65 2.01
C ILE C 111 -4.86 21.42 0.78
N THR C 112 -3.87 22.30 0.67
CA THR C 112 -2.82 22.19 -0.35
C THR C 112 -1.49 22.14 0.35
N ILE C 113 -0.65 21.18 -0.03
CA ILE C 113 0.66 21.00 0.58
C ILE C 113 1.71 21.24 -0.50
N LYS C 114 2.59 22.21 -0.25
CA LYS C 114 3.65 22.58 -1.19
C LYS C 114 4.96 22.03 -0.66
N ILE C 115 5.64 21.21 -1.48
CA ILE C 115 6.84 20.48 -1.06
C ILE C 115 8.02 20.96 -1.89
N THR C 116 9.12 21.32 -1.22
CA THR C 116 10.31 21.79 -1.92
C THR C 116 11.55 21.04 -1.44
N PRO C 117 12.31 20.41 -2.32
CA PRO C 117 13.52 19.70 -1.89
C PRO C 117 14.64 20.67 -1.56
N ASP C 118 15.61 20.17 -0.77
CA ASP C 118 16.76 20.99 -0.38
C ASP C 118 17.78 20.98 -1.51
N THR C 119 17.66 21.99 -2.38
CA THR C 119 18.56 22.34 -3.46
C THR C 119 18.00 23.63 -4.05
N GLU C 121 17.54 24.64 -7.15
CA GLU C 121 16.65 24.47 -8.29
C GLU C 121 16.24 23.01 -8.40
N ASN C 122 14.94 22.75 -8.41
CA ASN C 122 14.41 21.40 -8.52
C ASN C 122 12.90 21.42 -8.61
N TYR C 123 12.26 20.36 -8.12
CA TYR C 123 10.81 20.29 -8.11
C TYR C 123 10.22 21.38 -7.21
N GLU C 124 8.89 21.47 -7.26
CA GLU C 124 8.05 22.09 -6.25
C GLU C 124 6.72 21.34 -6.34
N TYR C 125 6.70 20.17 -5.71
CA TYR C 125 5.54 19.28 -5.75
C TYR C 125 4.35 19.89 -5.00
N ILE C 126 3.15 19.57 -5.45
CA ILE C 126 1.92 20.03 -4.82
C ILE C 126 1.00 18.83 -4.63
N THR C 127 0.53 18.63 -3.41
CA THR C 127 -0.47 17.59 -3.16
C THR C 127 -1.67 18.21 -2.44
N LYS C 128 -2.81 17.53 -2.56
CA LYS C 128 -4.09 18.02 -2.05
C LYS C 128 -4.76 16.92 -1.24
N LYS C 129 -5.52 17.34 -0.22
CA LYS C 129 -6.26 16.41 0.62
C LYS C 129 -7.55 17.09 1.04
N GLN C 130 -8.58 16.28 1.30
CA GLN C 130 -9.75 16.74 2.01
C GLN C 130 -9.63 16.29 3.45
N VAL C 131 -9.97 17.18 4.38
CA VAL C 131 -9.75 16.96 5.80
C VAL C 131 -11.04 17.24 6.55
N THR C 132 -11.40 16.35 7.47
CA THR C 132 -12.45 16.60 8.46
C THR C 132 -11.82 16.58 9.83
N ILE C 133 -12.09 17.62 10.63
CA ILE C 133 -11.59 17.73 12.00
C ILE C 133 -12.77 17.87 12.95
N TYR C 134 -12.68 17.22 14.11
CA TYR C 134 -13.64 17.38 15.21
C TYR C 134 -12.94 18.06 16.38
N TYR C 135 -13.52 19.15 16.88
CA TYR C 135 -12.82 19.92 17.89
C TYR C 135 -13.77 20.38 18.98
N ASP C 136 -13.17 20.77 20.11
CA ASP C 136 -13.78 21.55 21.18
C ASP C 136 -12.70 22.49 21.73
N PHE C 137 -13.05 23.31 22.72
CA PHE C 137 -12.07 24.13 23.42
C PHE C 137 -11.92 23.65 24.85
N ALA C 138 -10.75 23.90 25.44
CA ALA C 138 -10.51 23.47 26.82
C ALA C 138 -10.55 24.63 27.82
N LEU C 147 0.47 27.83 26.60
CA LEU C 147 -0.32 28.99 26.20
C LEU C 147 0.41 29.83 25.16
N ILE C 148 1.74 29.69 25.09
CA ILE C 148 2.46 30.25 23.97
C ILE C 148 2.08 29.52 22.69
N ILE C 149 1.97 28.19 22.77
CA ILE C 149 1.73 27.36 21.59
C ILE C 149 0.26 27.39 21.18
N ASN C 150 -0.64 27.36 22.16
CA ASN C 150 -2.07 27.17 21.91
C ASN C 150 -2.83 28.16 22.79
N PRO C 151 -2.86 29.44 22.38
CA PRO C 151 -3.43 30.47 23.27
C PRO C 151 -4.93 30.36 23.48
N PHE C 152 -5.68 29.87 22.50
CA PHE C 152 -7.11 29.74 22.64
C PHE C 152 -7.56 28.40 23.25
N GLY C 153 -6.64 27.47 23.48
CA GLY C 153 -7.05 26.17 24.01
C GLY C 153 -7.84 25.31 23.04
N PHE C 154 -7.53 25.39 21.75
CA PHE C 154 -8.18 24.57 20.72
C PHE C 154 -7.74 23.12 20.87
N LYS C 155 -8.69 22.18 20.83
CA LYS C 155 -8.37 20.76 21.03
C LYS C 155 -9.07 19.90 19.98
N VAL C 156 -8.28 19.13 19.25
CA VAL C 156 -8.80 18.21 18.22
C VAL C 156 -9.05 16.85 18.85
N PHE C 157 -10.22 16.27 18.53
CA PHE C 157 -10.65 14.98 19.05
C PHE C 157 -10.62 13.86 18.01
N ASP C 158 -10.65 14.20 16.72
CA ASP C 158 -10.58 13.18 15.68
C ASP C 158 -10.32 13.89 14.36
N ILE C 159 -9.81 13.15 13.40
CA ILE C 159 -9.54 13.66 12.06
C ILE C 159 -9.84 12.56 11.06
N GLN C 160 -10.33 12.94 9.89
CA GLN C 160 -10.49 12.01 8.79
C GLN C 160 -9.86 12.64 7.55
N ILE C 161 -8.95 11.90 6.90
CA ILE C 161 -8.17 12.44 5.79
C ILE C 161 -8.51 11.66 4.53
N THR C 162 -8.80 12.38 3.45
CA THR C 162 -9.01 11.80 2.13
C THR C 162 -7.94 12.30 1.19
N ASP C 163 -7.15 11.38 0.61
CA ASP C 163 -6.22 11.73 -0.45
C ASP C 163 -7.00 11.91 -1.75
N LEU C 164 -6.62 12.90 -2.56
CA LEU C 164 -7.57 13.40 -3.55
C LEU C 164 -7.46 12.76 -4.93
N GLN C 165 -6.28 12.75 -5.54
CA GLN C 165 -6.19 12.26 -6.93
C GLN C 165 -6.45 10.75 -7.06
N VAL D 25 -26.17 15.12 -13.12
CA VAL D 25 -25.99 14.91 -11.69
C VAL D 25 -24.86 13.88 -11.37
N ASN D 26 -24.58 12.98 -12.31
CA ASN D 26 -24.02 11.67 -12.00
C ASN D 26 -22.67 11.32 -12.64
N SER D 27 -21.68 12.20 -12.54
CA SER D 27 -20.36 11.85 -13.06
C SER D 27 -19.75 10.68 -12.28
N GLU D 28 -18.84 9.97 -12.94
CA GLU D 28 -18.15 8.91 -12.23
C GLU D 28 -17.32 9.49 -11.09
N ALA D 29 -16.87 10.74 -11.22
CA ALA D 29 -16.17 11.40 -10.13
C ALA D 29 -17.05 11.53 -8.90
N VAL D 30 -18.30 12.01 -9.06
CA VAL D 30 -19.15 12.17 -7.89
C VAL D 30 -19.58 10.81 -7.34
N VAL D 31 -19.87 9.84 -8.22
CA VAL D 31 -20.30 8.52 -7.74
C VAL D 31 -19.19 7.87 -6.95
N ASP D 32 -17.96 7.88 -7.48
CA ASP D 32 -16.85 7.24 -6.79
C ASP D 32 -16.53 7.96 -5.48
N SER D 33 -16.62 9.30 -5.48
CA SER D 33 -16.37 10.05 -4.24
C SER D 33 -17.41 9.73 -3.16
N ALA D 34 -18.68 9.64 -3.52
CA ALA D 34 -19.71 9.30 -2.54
C ALA D 34 -19.58 7.85 -2.09
N THR D 35 -19.24 6.94 -3.01
CA THR D 35 -19.04 5.54 -2.64
C THR D 35 -17.87 5.39 -1.68
N SER D 36 -16.76 6.11 -1.93
CA SER D 36 -15.63 6.07 -1.02
C SER D 36 -16.01 6.61 0.35
N LYS D 37 -16.81 7.67 0.40
CA LYS D 37 -17.26 8.20 1.69
C LYS D 37 -18.12 7.19 2.44
N PHE D 38 -19.07 6.57 1.75
CA PHE D 38 -19.93 5.56 2.36
C PHE D 38 -19.11 4.39 2.92
N VAL D 39 -18.13 3.92 2.15
CA VAL D 39 -17.25 2.83 2.59
C VAL D 39 -16.47 3.26 3.83
N SER D 40 -15.98 4.48 3.85
CA SER D 40 -15.24 4.99 5.01
C SER D 40 -16.13 5.05 6.25
N LEU D 41 -17.36 5.53 6.09
CA LEU D 41 -18.30 5.60 7.20
C LEU D 41 -18.66 4.22 7.72
N LEU D 42 -19.03 3.30 6.82
CA LEU D 42 -19.62 2.04 7.24
C LEU D 42 -18.58 1.10 7.83
N PHE D 43 -17.37 1.05 7.25
CA PHE D 43 -16.36 0.07 7.67
C PHE D 43 -15.22 0.65 8.49
N GLY D 44 -15.21 1.96 8.72
CA GLY D 44 -14.21 2.57 9.59
C GLY D 44 -14.69 2.66 11.01
N TYR D 45 -13.80 3.13 11.89
CA TYR D 45 -14.16 3.29 13.30
C TYR D 45 -13.20 4.24 13.97
N SER D 46 -13.75 5.18 14.74
CA SER D 46 -13.00 6.06 15.61
C SER D 46 -13.94 6.38 16.76
N LYS D 47 -13.44 6.23 17.99
CA LYS D 47 -14.32 6.32 19.16
C LYS D 47 -14.96 7.71 19.32
N ASN D 48 -14.19 8.78 19.13
CA ASN D 48 -14.69 10.09 19.56
C ASN D 48 -15.75 10.69 18.65
N SER D 49 -15.80 10.30 17.38
CA SER D 49 -16.74 10.89 16.43
C SER D 49 -17.88 9.94 16.08
N LEU D 50 -18.14 8.92 16.92
CA LEU D 50 -19.04 7.84 16.55
C LEU D 50 -20.46 8.35 16.30
N ARG D 51 -20.92 9.32 17.10
CA ARG D 51 -22.26 9.88 16.90
C ARG D 51 -22.41 10.48 15.52
N ASP D 52 -21.43 11.26 15.09
CA ASP D 52 -21.51 11.91 13.78
C ASP D 52 -21.36 10.88 12.67
N ARG D 53 -20.50 9.88 12.88
CA ARG D 53 -20.35 8.81 11.90
C ARG D 53 -21.70 8.15 11.59
N LYS D 54 -22.47 7.81 12.63
CA LYS D 54 -23.77 7.17 12.43
C LYS D 54 -24.76 8.11 11.76
N ASP D 55 -24.72 9.40 12.14
CA ASP D 55 -25.59 10.40 11.52
C ASP D 55 -25.28 10.53 10.02
N GLN D 56 -24.00 10.61 9.67
CA GLN D 56 -23.62 10.70 8.27
C GLN D 56 -24.01 9.45 7.50
N LEU D 57 -23.74 8.28 8.09
CA LEU D 57 -24.12 7.02 7.44
C LEU D 57 -25.60 7.03 7.04
N GLN D 59 -27.48 9.63 6.35
CA GLN D 59 -27.67 10.57 5.25
C GLN D 59 -27.32 9.98 3.89
N TYR D 60 -26.55 8.89 3.86
CA TYR D 60 -26.18 8.24 2.61
C TYR D 60 -27.03 7.01 2.29
N CYS D 61 -28.05 6.72 3.08
CA CYS D 61 -28.90 5.55 2.89
C CYS D 61 -30.32 5.98 2.56
N ASP D 62 -30.93 5.30 1.60
CA ASP D 62 -32.37 5.47 1.40
C ASP D 62 -33.12 5.04 2.64
N VAL D 63 -34.29 5.68 2.88
CA VAL D 63 -35.09 5.38 4.07
C VAL D 63 -35.36 3.88 4.16
N SER D 64 -35.56 3.22 3.02
CA SER D 64 -35.85 1.79 3.01
C SER D 64 -34.67 0.94 3.46
N PHE D 65 -33.47 1.51 3.52
CA PHE D 65 -32.27 0.78 3.88
C PHE D 65 -31.70 1.22 5.22
N GLN D 66 -32.21 2.30 5.81
CA GLN D 66 -31.58 2.92 6.97
C GLN D 66 -31.55 1.99 8.17
N THR D 67 -32.61 1.22 8.39
CA THR D 67 -32.63 0.31 9.53
C THR D 67 -31.61 -0.82 9.36
N GLN D 68 -31.60 -1.46 8.19
CA GLN D 68 -30.63 -2.54 7.95
C GLN D 68 -29.20 -2.03 8.05
N ALA D 69 -28.95 -0.83 7.52
CA ALA D 69 -27.59 -0.30 7.52
C ALA D 69 -27.11 -0.02 8.95
N ARG D 71 -28.10 -1.52 11.66
CA ARG D 71 -27.87 -2.81 12.30
C ARG D 71 -26.52 -3.39 11.90
N PHE D 73 -23.88 -1.74 10.74
CA PHE D 73 -22.86 -0.91 11.34
C PHE D 73 -22.68 -1.23 12.82
N ASN D 74 -23.78 -1.29 13.57
CA ASN D 74 -23.69 -1.58 15.00
C ASN D 74 -23.04 -2.94 15.26
N GLU D 75 -23.39 -3.94 14.44
CA GLU D 75 -22.75 -5.25 14.51
C GLU D 75 -21.25 -5.14 14.24
N ASN D 76 -20.87 -4.40 13.20
CA ASN D 76 -19.47 -4.35 12.80
C ASN D 76 -18.59 -3.72 13.87
N ILE D 77 -19.09 -2.68 14.55
CA ILE D 77 -18.24 -1.97 15.50
C ILE D 77 -18.08 -2.70 16.82
N ARG D 78 -18.87 -3.75 17.08
CA ARG D 78 -18.64 -4.57 18.27
C ARG D 78 -17.22 -5.11 18.34
N GLN D 79 -16.56 -5.30 17.21
CA GLN D 79 -15.23 -5.86 17.24
C GLN D 79 -14.19 -4.90 17.82
N PHE D 80 -14.44 -3.58 17.79
CA PHE D 80 -13.42 -2.61 18.18
C PHE D 80 -13.52 -2.41 19.70
N VAL D 81 -12.90 -3.32 20.44
CA VAL D 81 -13.15 -3.39 21.87
C VAL D 81 -12.39 -2.31 22.61
N ASP D 82 -11.12 -2.08 22.27
CA ASP D 82 -10.35 -1.11 23.03
C ASP D 82 -9.14 -0.64 22.22
N LYS D 83 -8.88 0.67 22.25
CA LYS D 83 -7.63 1.27 21.78
C LYS D 83 -7.28 0.89 20.34
N VAL D 84 -8.27 0.92 19.46
CA VAL D 84 -8.02 0.68 18.03
C VAL D 84 -8.82 1.68 17.20
N ARG D 85 -8.29 1.95 16.01
CA ARG D 85 -8.87 2.83 14.99
C ARG D 85 -8.95 2.03 13.69
N ALA D 86 -10.03 2.22 12.92
CA ALA D 86 -10.13 1.54 11.64
C ALA D 86 -10.39 2.56 10.54
N GLU D 87 -9.71 2.37 9.41
CA GLU D 87 -9.93 3.16 8.20
C GLU D 87 -10.24 2.23 7.04
N ALA D 88 -11.14 2.63 6.14
CA ALA D 88 -11.48 1.77 4.99
C ALA D 88 -11.46 2.57 3.69
N ILE D 89 -10.83 2.00 2.65
CA ILE D 89 -10.75 2.67 1.36
C ILE D 89 -11.00 1.68 0.24
N ILE D 90 -11.45 2.19 -0.91
CA ILE D 90 -11.62 1.35 -2.09
C ILE D 90 -10.25 1.06 -2.71
N SER D 91 -9.95 -0.21 -2.97
CA SER D 91 -8.60 -0.60 -3.38
C SER D 91 -8.55 -1.35 -4.70
N SER D 92 -9.65 -1.40 -5.46
CA SER D 92 -9.64 -2.02 -6.76
C SER D 92 -10.43 -1.14 -7.71
N ASN D 93 -10.50 -1.54 -8.97
CA ASN D 93 -11.28 -0.76 -9.92
C ASN D 93 -12.75 -1.08 -9.77
N ILE D 94 -13.57 -0.03 -9.84
CA ILE D 94 -15.01 -0.12 -9.63
C ILE D 94 -15.66 -0.65 -10.91
N GLN D 95 -16.39 -1.76 -10.79
CA GLN D 95 -17.24 -2.26 -11.87
C GLN D 95 -18.65 -1.69 -11.69
N ARG D 96 -19.25 -1.20 -12.78
CA ARG D 96 -20.58 -0.58 -12.73
C ARG D 96 -21.51 -1.22 -13.73
N GLU D 97 -22.77 -1.39 -13.34
CA GLU D 97 -23.78 -1.90 -14.25
C GLU D 97 -25.16 -1.46 -13.79
N LYS D 98 -25.95 -0.92 -14.73
CA LYS D 98 -27.33 -0.61 -14.43
C LYS D 98 -28.10 -1.92 -14.18
N VAL D 99 -28.93 -1.94 -13.15
CA VAL D 99 -29.75 -3.11 -12.88
C VAL D 99 -30.91 -3.15 -13.86
N LYS D 100 -31.13 -4.31 -14.47
CA LYS D 100 -32.18 -4.48 -15.48
C LYS D 100 -33.55 -4.10 -14.92
N ASN D 101 -34.28 -3.26 -15.67
CA ASN D 101 -35.64 -2.84 -15.34
C ASN D 101 -35.75 -2.35 -13.90
N SER D 102 -34.85 -1.45 -13.54
CA SER D 102 -34.76 -0.90 -12.20
C SER D 102 -34.07 0.45 -12.31
N PRO D 103 -34.34 1.36 -11.38
CA PRO D 103 -33.59 2.63 -11.34
C PRO D 103 -32.23 2.51 -10.65
N LEU D 104 -31.92 1.35 -10.07
CA LEU D 104 -30.69 1.18 -9.31
C LEU D 104 -29.50 0.88 -10.22
N THR D 105 -28.31 1.28 -9.77
CA THR D 105 -27.05 0.89 -10.38
C THR D 105 -26.24 0.09 -9.38
N ARG D 106 -25.57 -0.95 -9.86
CA ARG D 106 -24.77 -1.83 -9.03
C ARG D 106 -23.30 -1.47 -9.19
N LEU D 107 -22.60 -1.30 -8.08
CA LEU D 107 -21.16 -1.12 -8.08
C LEU D 107 -20.52 -2.28 -7.34
N THR D 108 -19.43 -2.82 -7.90
CA THR D 108 -18.68 -3.92 -7.31
C THR D 108 -17.19 -3.56 -7.28
N PHE D 109 -16.53 -3.84 -6.16
CA PHE D 109 -15.16 -3.41 -5.93
C PHE D 109 -14.65 -4.07 -4.66
N PHE D 110 -13.34 -3.96 -4.45
CA PHE D 110 -12.72 -4.42 -3.22
C PHE D 110 -12.38 -3.23 -2.33
N ILE D 111 -12.39 -3.48 -1.01
CA ILE D 111 -11.94 -2.49 -0.05
C ILE D 111 -10.81 -3.08 0.77
N THR D 112 -9.99 -2.18 1.30
CA THR D 112 -8.96 -2.48 2.27
C THR D 112 -9.33 -1.82 3.60
N ILE D 113 -9.37 -2.60 4.67
CA ILE D 113 -9.63 -2.08 6.02
C ILE D 113 -8.32 -2.10 6.79
N LYS D 114 -7.92 -0.94 7.31
CA LYS D 114 -6.66 -0.78 8.03
C LYS D 114 -6.94 -0.51 9.51
N ILE D 115 -6.47 -1.40 10.38
CA ILE D 115 -6.65 -1.24 11.83
C ILE D 115 -5.31 -0.85 12.43
N THR D 116 -5.31 0.18 13.24
CA THR D 116 -4.10 0.55 13.97
C THR D 116 -4.39 0.67 15.45
N PRO D 117 -3.40 0.37 16.30
CA PRO D 117 -3.58 0.53 17.74
C PRO D 117 -3.38 1.97 18.17
N ASP D 118 -4.02 2.33 19.29
CA ASP D 118 -3.78 3.59 19.97
C ASP D 118 -2.48 3.51 20.80
N THR D 119 -1.41 3.09 20.16
CA THR D 119 -0.07 2.99 20.75
C THR D 119 0.90 3.48 19.69
N GLU D 121 3.13 1.50 18.44
CA GLU D 121 3.67 0.29 17.85
C GLU D 121 3.75 0.43 16.32
N ASN D 122 4.82 -0.10 15.74
CA ASN D 122 5.13 0.20 14.34
C ASN D 122 4.52 -0.84 13.38
N TYR D 123 3.18 -0.90 13.33
CA TYR D 123 2.50 -1.79 12.39
C TYR D 123 1.11 -1.26 12.09
N GLU D 124 0.57 -1.73 10.96
CA GLU D 124 -0.84 -1.65 10.61
C GLU D 124 -1.31 -3.08 10.28
N TYR D 125 -2.56 -3.39 10.63
CA TYR D 125 -3.20 -4.67 10.31
C TYR D 125 -4.21 -4.43 9.20
N ILE D 126 -4.09 -5.17 8.09
CA ILE D 126 -4.86 -4.93 6.87
C ILE D 126 -5.69 -6.17 6.53
N THR D 127 -6.97 -5.99 6.22
CA THR D 127 -7.81 -7.06 5.64
C THR D 127 -8.56 -6.49 4.45
N LYS D 128 -9.13 -7.39 3.65
CA LYS D 128 -9.84 -6.99 2.44
C LYS D 128 -11.24 -7.58 2.42
N LYS D 129 -12.15 -6.89 1.73
CA LYS D 129 -13.48 -7.42 1.51
C LYS D 129 -13.90 -7.07 0.08
N GLN D 130 -14.78 -7.88 -0.48
CA GLN D 130 -15.45 -7.54 -1.72
C GLN D 130 -16.83 -6.99 -1.39
N VAL D 131 -17.17 -5.86 -1.99
CA VAL D 131 -18.37 -5.13 -1.63
C VAL D 131 -19.19 -4.90 -2.88
N THR D 132 -20.49 -5.05 -2.77
CA THR D 132 -21.43 -4.63 -3.81
C THR D 132 -22.41 -3.61 -3.23
N ILE D 133 -22.56 -2.48 -3.91
CA ILE D 133 -23.44 -1.40 -3.49
C ILE D 133 -24.51 -1.20 -4.56
N TYR D 134 -25.76 -0.99 -4.13
CA TYR D 134 -26.85 -0.56 -5.00
C TYR D 134 -27.24 0.86 -4.63
N TYR D 135 -27.20 1.77 -5.60
CA TYR D 135 -27.45 3.19 -5.35
C TYR D 135 -28.35 3.77 -6.42
N ASP D 136 -28.99 4.88 -6.04
CA ASP D 136 -29.67 5.82 -6.91
C ASP D 136 -29.45 7.20 -6.32
N PHE D 137 -29.74 8.25 -7.09
CA PHE D 137 -29.71 9.62 -6.57
C PHE D 137 -31.13 10.05 -6.19
N ALA D 138 -31.24 10.79 -5.08
CA ALA D 138 -32.55 11.23 -4.60
C ALA D 138 -33.13 12.36 -5.46
N LEU D 147 -26.62 18.86 3.28
CA LEU D 147 -25.99 19.26 2.04
C LEU D 147 -24.48 19.45 2.23
N ILE D 148 -24.05 19.72 3.47
CA ILE D 148 -22.63 19.62 3.79
C ILE D 148 -22.15 18.17 3.66
N ILE D 149 -22.98 17.22 4.10
CA ILE D 149 -22.59 15.81 4.15
C ILE D 149 -22.73 15.14 2.79
N ASN D 150 -23.88 15.31 2.15
CA ASN D 150 -24.27 14.56 0.97
C ASN D 150 -24.83 15.53 -0.06
N PRO D 151 -23.97 16.36 -0.66
CA PRO D 151 -24.48 17.47 -1.50
C PRO D 151 -25.34 16.99 -2.66
N PHE D 152 -25.02 15.86 -3.26
CA PHE D 152 -25.66 15.43 -4.50
C PHE D 152 -26.74 14.38 -4.28
N GLY D 153 -27.05 14.04 -3.04
CA GLY D 153 -28.15 13.11 -2.78
C GLY D 153 -27.91 11.68 -3.21
N PHE D 154 -26.65 11.22 -3.14
CA PHE D 154 -26.33 9.80 -3.32
C PHE D 154 -26.98 8.99 -2.22
N LYS D 155 -27.74 7.94 -2.59
CA LYS D 155 -28.47 7.13 -1.63
C LYS D 155 -28.22 5.66 -1.89
N VAL D 156 -27.81 4.93 -0.87
CA VAL D 156 -27.56 3.49 -0.99
C VAL D 156 -28.84 2.74 -0.63
N PHE D 157 -29.21 1.76 -1.46
CA PHE D 157 -30.43 0.99 -1.24
C PHE D 157 -30.18 -0.41 -0.72
N ASP D 158 -29.00 -0.96 -0.94
CA ASP D 158 -28.65 -2.27 -0.43
C ASP D 158 -27.15 -2.43 -0.55
N ILE D 159 -26.63 -3.40 0.18
CA ILE D 159 -25.22 -3.73 0.15
C ILE D 159 -25.10 -5.24 0.27
N GLN D 160 -24.05 -5.79 -0.34
CA GLN D 160 -23.72 -7.21 -0.17
C GLN D 160 -22.22 -7.30 0.05
N ILE D 161 -21.81 -7.98 1.11
CA ILE D 161 -20.40 -8.04 1.49
C ILE D 161 -19.93 -9.49 1.45
N THR D 162 -18.77 -9.72 0.84
CA THR D 162 -18.14 -11.02 0.81
C THR D 162 -16.79 -10.94 1.52
N ASP D 163 -16.59 -11.84 2.47
CA ASP D 163 -15.25 -12.08 3.00
C ASP D 163 -14.44 -12.85 1.96
N LEU D 164 -13.15 -12.52 1.86
CA LEU D 164 -12.36 -13.06 0.77
C LEU D 164 -12.24 -14.57 0.83
N GLN D 165 -12.32 -15.15 2.02
CA GLN D 165 -12.30 -16.61 2.16
C GLN D 165 -13.33 -17.07 3.17
#